data_4FBD
#
_entry.id   4FBD
#
_cell.length_a   47.599
_cell.length_b   87.216
_cell.length_c   112.122
_cell.angle_alpha   90.00
_cell.angle_beta   90.00
_cell.angle_gamma   90.00
#
_symmetry.space_group_name_H-M   'P 21 21 21'
#
loop_
_entity.id
_entity.type
_entity.pdbx_description
1 polymer 'Putative uncharacterized protein'
2 water water
#
_entity_poly.entity_id   1
_entity_poly.type   'polypeptide(L)'
_entity_poly.pdbx_seq_one_letter_code
;MGSSHHHHHHENLYFQGTSKPESPQRCLGRPAPADLPLGLDPFCYRQFDDPAYGGSRISGVTKEEFLEKVNELVTRDAGI
EFFQGYAPFCRHLYIPNFVGALPGSLPITADNEHLLRSGYIARRPNELPVLTRWFPMSYAKDALMPAAFLDLILYSREQI
AKETAAESNTAVVIDPNAPAWSIIAVKAQNEKYSLPMAPITMLRNTLIEEGGSGVALDREAYKASVAYWKTHAIVMDKES
SLE
;
_entity_poly.pdbx_strand_id   A,B
#
# COMPACT_ATOMS: atom_id res chain seq x y z
N ARG A 30 8.84 16.91 -33.78
CA ARG A 30 9.61 16.33 -32.64
C ARG A 30 10.59 15.28 -33.14
N PRO A 31 11.90 15.60 -33.18
CA PRO A 31 12.61 16.84 -32.88
C PRO A 31 13.45 17.33 -34.07
N ALA A 32 14.06 18.51 -33.91
CA ALA A 32 14.86 19.12 -34.97
C ALA A 32 16.08 18.29 -35.35
N PRO A 33 16.37 18.20 -36.66
CA PRO A 33 17.54 17.46 -37.12
C PRO A 33 18.82 17.84 -36.38
N ALA A 34 18.93 19.12 -35.99
CA ALA A 34 20.09 19.62 -35.24
C ALA A 34 20.05 19.09 -33.80
N ASP A 35 18.86 18.73 -33.35
CA ASP A 35 18.67 18.15 -32.01
C ASP A 35 18.73 16.60 -32.11
N LEU A 36 19.55 16.12 -33.04
CA LEU A 36 19.82 14.70 -33.26
C LEU A 36 21.24 14.56 -33.78
N PRO A 37 21.88 13.42 -33.52
CA PRO A 37 21.41 12.26 -32.81
C PRO A 37 21.30 12.42 -31.30
N LEU A 38 20.68 11.44 -30.66
CA LEU A 38 20.56 11.41 -29.22
C LEU A 38 21.88 10.94 -28.64
N GLY A 39 22.17 11.39 -27.44
CA GLY A 39 23.37 10.97 -26.74
C GLY A 39 23.00 9.98 -25.66
N LEU A 40 23.97 9.61 -24.86
CA LEU A 40 23.76 8.71 -23.77
C LEU A 40 24.71 9.03 -22.65
N ASP A 41 24.20 9.67 -21.60
CA ASP A 41 25.03 10.01 -20.44
C ASP A 41 25.36 8.72 -19.67
N PRO A 42 26.62 8.22 -19.81
CA PRO A 42 26.95 6.97 -19.13
C PRO A 42 27.01 7.05 -17.60
N PHE A 43 27.10 8.26 -17.05
CA PHE A 43 27.15 8.41 -15.59
C PHE A 43 25.77 8.22 -14.93
N CYS A 44 24.87 7.57 -15.64
CA CYS A 44 23.54 7.23 -15.12
C CYS A 44 23.18 5.89 -15.78
N TYR A 45 23.32 5.81 -17.10
CA TYR A 45 23.21 4.53 -17.78
C TYR A 45 24.17 4.52 -18.97
N SER A 56 16.13 -0.85 -15.60
CA SER A 56 16.17 -2.14 -16.28
C SER A 56 17.58 -2.45 -16.81
N ARG A 57 17.99 -3.73 -16.75
CA ARG A 57 19.33 -4.15 -17.18
C ARG A 57 19.50 -4.52 -18.68
N ILE A 58 20.48 -3.89 -19.32
CA ILE A 58 20.84 -4.15 -20.72
C ILE A 58 22.17 -4.90 -20.70
N SER A 59 22.24 -6.00 -21.47
CA SER A 59 23.44 -6.83 -21.47
C SER A 59 23.98 -7.14 -22.88
N GLY A 60 25.26 -7.52 -22.92
CA GLY A 60 25.95 -7.93 -24.14
C GLY A 60 26.06 -6.96 -25.31
N VAL A 61 25.93 -5.66 -25.04
CA VAL A 61 26.06 -4.64 -26.10
C VAL A 61 26.79 -3.40 -25.57
N THR A 62 27.67 -2.83 -26.37
CA THR A 62 28.40 -1.65 -25.96
C THR A 62 27.49 -0.41 -25.95
N LYS A 63 27.90 0.59 -25.18
CA LYS A 63 27.15 1.82 -25.09
C LYS A 63 27.26 2.62 -26.41
N GLU A 64 28.28 2.32 -27.19
CA GLU A 64 28.47 2.92 -28.49
C GLU A 64 27.46 2.28 -29.47
N GLU A 65 27.47 0.96 -29.54
CA GLU A 65 26.60 0.20 -30.41
C GLU A 65 25.11 0.45 -30.08
N PHE A 66 24.82 0.49 -28.79
CA PHE A 66 23.47 0.74 -28.33
C PHE A 66 22.95 2.08 -28.87
N LEU A 67 23.75 3.12 -28.68
CA LEU A 67 23.37 4.46 -29.10
C LEU A 67 23.24 4.53 -30.63
N GLU A 68 24.11 3.81 -31.30
CA GLU A 68 24.07 3.77 -32.75
C GLU A 68 22.76 3.14 -33.23
N LYS A 69 22.38 2.01 -32.65
N LYS A 69 22.38 2.00 -32.65
CA LYS A 69 21.14 1.34 -33.06
CA LYS A 69 21.14 1.32 -33.04
C LYS A 69 19.91 2.15 -32.68
C LYS A 69 19.93 2.18 -32.70
N VAL A 70 19.97 2.85 -31.55
CA VAL A 70 18.87 3.72 -31.13
C VAL A 70 18.69 4.80 -32.19
N ASN A 71 19.77 5.49 -32.52
CA ASN A 71 19.72 6.54 -33.53
C ASN A 71 19.27 6.03 -34.92
N GLU A 72 19.73 4.84 -35.28
CA GLU A 72 19.32 4.22 -36.54
C GLU A 72 17.83 3.90 -36.51
N LEU A 73 17.38 3.30 -35.41
CA LEU A 73 15.96 2.98 -35.29
C LEU A 73 15.10 4.24 -35.36
N VAL A 74 15.59 5.33 -34.82
CA VAL A 74 14.86 6.60 -34.80
C VAL A 74 14.73 7.24 -36.16
N THR A 75 15.85 7.43 -36.84
CA THR A 75 15.82 8.05 -38.17
C THR A 75 15.18 7.15 -39.24
N ARG A 76 15.17 5.83 -39.06
CA ARG A 76 14.50 4.95 -40.04
C ARG A 76 12.97 5.03 -39.97
N ASP A 77 12.42 4.80 -38.78
CA ASP A 77 10.96 4.82 -38.59
C ASP A 77 10.39 6.21 -38.21
N ALA A 78 9.71 6.83 -39.16
CA ALA A 78 9.08 8.12 -38.99
C ALA A 78 7.93 8.08 -37.97
N GLY A 79 7.52 6.87 -37.58
CA GLY A 79 6.44 6.64 -36.62
C GLY A 79 6.86 6.64 -35.16
N ILE A 80 8.15 6.74 -34.87
CA ILE A 80 8.61 6.76 -33.47
C ILE A 80 8.37 8.16 -32.97
N GLU A 81 7.50 8.26 -31.97
CA GLU A 81 7.08 9.53 -31.40
C GLU A 81 7.86 9.84 -30.16
N PHE A 82 8.06 11.12 -29.92
CA PHE A 82 8.68 11.60 -28.71
C PHE A 82 7.55 12.13 -27.82
N PHE A 83 7.54 11.78 -26.54
CA PHE A 83 6.48 12.25 -25.64
C PHE A 83 7.03 13.19 -24.59
N GLN A 84 6.36 14.34 -24.43
CA GLN A 84 6.75 15.36 -23.46
C GLN A 84 6.72 14.72 -22.07
N GLY A 85 7.77 14.90 -21.28
CA GLY A 85 7.88 14.29 -19.94
C GLY A 85 6.98 14.82 -18.84
N TYR A 86 7.09 16.11 -18.55
CA TYR A 86 6.29 16.81 -17.50
C TYR A 86 6.84 18.23 -17.39
N ALA A 87 8.17 18.31 -17.27
CA ALA A 87 8.87 19.56 -17.24
C ALA A 87 9.42 19.60 -18.63
N PRO A 88 9.73 20.80 -19.15
CA PRO A 88 10.28 20.86 -20.50
C PRO A 88 11.68 20.22 -20.65
N PHE A 89 12.27 19.72 -19.55
CA PHE A 89 13.61 19.11 -19.62
C PHE A 89 13.62 17.58 -19.68
N CYS A 90 12.44 16.97 -19.59
CA CYS A 90 12.33 15.54 -19.70
C CYS A 90 11.51 15.19 -20.92
N ARG A 91 11.88 14.10 -21.57
CA ARG A 91 11.17 13.64 -22.75
C ARG A 91 11.41 12.18 -22.88
N HIS A 92 10.56 11.45 -23.57
CA HIS A 92 10.82 10.04 -23.73
C HIS A 92 10.23 9.43 -24.99
N LEU A 93 10.80 8.32 -25.43
CA LEU A 93 10.28 7.62 -26.59
C LEU A 93 10.37 6.11 -26.38
N TYR A 94 9.54 5.39 -27.11
CA TYR A 94 9.48 3.94 -27.11
C TYR A 94 10.06 3.42 -28.37
N ILE A 95 10.96 2.45 -28.26
CA ILE A 95 11.56 1.82 -29.42
C ILE A 95 11.50 0.29 -29.19
N PRO A 96 11.62 -0.49 -30.27
CA PRO A 96 11.69 -1.94 -30.11
C PRO A 96 12.87 -2.36 -29.21
N ASN A 97 12.66 -3.42 -28.43
CA ASN A 97 13.66 -3.91 -27.50
C ASN A 97 14.68 -4.79 -28.22
N PHE A 98 15.72 -4.17 -28.75
CA PHE A 98 16.72 -4.91 -29.50
C PHE A 98 17.84 -5.52 -28.66
N VAL A 99 17.94 -5.19 -27.38
CA VAL A 99 18.98 -5.79 -26.52
C VAL A 99 18.44 -6.96 -25.71
N GLY A 100 17.15 -7.24 -25.84
CA GLY A 100 16.52 -8.33 -25.07
C GLY A 100 16.47 -8.08 -23.58
N ALA A 101 16.33 -6.83 -23.17
CA ALA A 101 16.23 -6.50 -21.75
C ALA A 101 14.92 -7.08 -21.16
N LEU A 102 15.00 -7.53 -19.93
CA LEU A 102 13.87 -8.10 -19.23
C LEU A 102 13.14 -7.00 -18.45
N PRO A 103 11.80 -7.10 -18.35
CA PRO A 103 11.01 -6.14 -17.62
C PRO A 103 11.25 -6.25 -16.10
N GLY A 104 10.74 -5.29 -15.36
CA GLY A 104 10.91 -5.21 -13.89
C GLY A 104 9.75 -5.83 -13.17
N SER A 105 8.79 -6.34 -13.91
CA SER A 105 7.61 -6.94 -13.28
C SER A 105 6.93 -7.99 -14.18
N LEU A 106 6.01 -8.74 -13.57
CA LEU A 106 5.26 -9.79 -14.25
C LEU A 106 3.77 -9.67 -13.96
N PRO A 107 2.94 -10.21 -14.86
CA PRO A 107 1.51 -10.21 -14.67
C PRO A 107 1.11 -11.22 -13.60
N ILE A 108 0.08 -10.89 -12.84
CA ILE A 108 -0.40 -11.79 -11.83
C ILE A 108 -1.52 -12.57 -12.48
N THR A 109 -1.42 -13.89 -12.53
CA THR A 109 -2.46 -14.73 -13.11
C THR A 109 -3.04 -15.67 -12.06
N ALA A 110 -4.09 -16.40 -12.40
CA ALA A 110 -4.68 -17.34 -11.45
C ALA A 110 -3.65 -18.45 -11.13
N ASP A 111 -2.79 -18.78 -12.08
CA ASP A 111 -1.82 -19.83 -11.87
C ASP A 111 -0.58 -19.40 -11.09
N ASN A 112 -0.23 -18.12 -11.09
CA ASN A 112 0.95 -17.71 -10.34
C ASN A 112 0.72 -16.87 -9.08
N GLU A 113 -0.53 -16.51 -8.82
CA GLU A 113 -0.85 -15.65 -7.69
C GLU A 113 -0.30 -16.12 -6.35
N HIS A 114 -0.38 -17.42 -6.12
CA HIS A 114 0.09 -17.97 -4.85
C HIS A 114 1.62 -17.92 -4.65
N LEU A 115 2.36 -17.61 -5.71
CA LEU A 115 3.81 -17.51 -5.68
C LEU A 115 4.31 -16.16 -5.16
N LEU A 116 3.41 -15.18 -5.12
CA LEU A 116 3.71 -13.83 -4.62
C LEU A 116 4.11 -13.92 -3.17
N ARG A 117 4.97 -13.02 -2.75
CA ARG A 117 5.40 -12.89 -1.38
C ARG A 117 5.23 -11.44 -1.03
N SER A 118 5.11 -11.13 0.24
CA SER A 118 4.91 -9.74 0.64
C SER A 118 5.55 -9.43 1.98
N GLY A 119 5.80 -8.15 2.20
CA GLY A 119 6.38 -7.71 3.46
C GLY A 119 6.58 -6.23 3.51
N TYR A 120 7.09 -5.75 4.64
CA TYR A 120 7.37 -4.35 4.81
C TYR A 120 8.82 -4.10 4.43
N ILE A 121 9.01 -3.24 3.46
CA ILE A 121 10.31 -2.94 2.93
C ILE A 121 10.51 -1.45 2.89
N ALA A 122 11.73 -1.04 3.16
CA ALA A 122 12.13 0.36 3.09
C ALA A 122 13.12 0.46 1.96
N ARG A 123 12.87 1.34 1.01
CA ARG A 123 13.82 1.55 -0.12
C ARG A 123 15.12 2.22 0.31
N ARG A 124 15.08 2.93 1.43
CA ARG A 124 16.27 3.56 2.02
C ARG A 124 16.24 3.39 3.54
N PRO A 125 17.42 3.41 4.19
CA PRO A 125 17.50 3.25 5.65
C PRO A 125 16.83 4.37 6.47
N ASN A 126 16.56 5.50 5.83
CA ASN A 126 15.93 6.64 6.49
C ASN A 126 14.42 6.76 6.24
N GLU A 127 13.87 5.83 5.46
CA GLU A 127 12.45 5.82 5.14
C GLU A 127 11.66 4.79 5.94
N LEU A 128 10.39 5.08 6.18
CA LEU A 128 9.51 4.16 6.87
C LEU A 128 9.24 2.99 5.93
N PRO A 129 9.17 1.78 6.48
CA PRO A 129 8.86 0.63 5.62
C PRO A 129 7.38 0.57 5.21
N VAL A 130 7.14 0.07 4.01
CA VAL A 130 5.79 -0.03 3.48
C VAL A 130 5.55 -1.42 2.89
N LEU A 131 4.29 -1.86 3.01
CA LEU A 131 3.86 -3.14 2.50
C LEU A 131 4.13 -3.18 1.00
N THR A 132 4.74 -4.25 0.55
CA THR A 132 5.14 -4.40 -0.85
C THR A 132 4.93 -5.86 -1.18
N ARG A 133 4.60 -6.14 -2.45
CA ARG A 133 4.50 -7.54 -2.87
C ARG A 133 5.32 -7.76 -4.12
N TRP A 134 5.80 -8.98 -4.27
CA TRP A 134 6.64 -9.30 -5.39
C TRP A 134 6.68 -10.79 -5.70
N PHE A 135 7.15 -11.10 -6.90
CA PHE A 135 7.40 -12.48 -7.30
C PHE A 135 8.89 -12.70 -7.07
N PRO A 136 9.23 -13.75 -6.36
CA PRO A 136 10.62 -14.05 -6.13
C PRO A 136 11.26 -14.65 -7.36
N MET A 137 12.58 -14.72 -7.36
CA MET A 137 13.34 -15.23 -8.50
C MET A 137 13.13 -16.71 -8.78
N SER A 138 12.79 -17.50 -7.77
CA SER A 138 12.54 -18.92 -7.98
C SER A 138 11.45 -19.12 -9.02
N TYR A 139 10.50 -18.17 -9.11
CA TYR A 139 9.51 -18.23 -10.19
C TYR A 139 9.95 -17.35 -11.38
N ALA A 140 10.30 -16.11 -11.09
CA ALA A 140 10.67 -15.14 -12.11
C ALA A 140 11.75 -15.59 -13.07
N LYS A 141 12.76 -16.30 -12.59
CA LYS A 141 13.82 -16.75 -13.49
C LYS A 141 13.23 -17.60 -14.60
N ASP A 142 12.09 -18.26 -14.37
CA ASP A 142 11.47 -19.12 -15.38
C ASP A 142 10.22 -18.51 -16.01
N ALA A 143 10.04 -17.21 -15.84
CA ALA A 143 8.86 -16.49 -16.38
C ALA A 143 9.22 -15.27 -17.20
N LEU A 144 10.22 -14.53 -16.76
CA LEU A 144 10.65 -13.31 -17.47
C LEU A 144 11.17 -13.53 -18.90
N MET A 145 10.72 -12.69 -19.81
CA MET A 145 11.13 -12.74 -21.17
C MET A 145 11.42 -11.31 -21.62
N PRO A 146 12.14 -11.14 -22.74
CA PRO A 146 12.42 -9.81 -23.27
C PRO A 146 11.15 -9.04 -23.45
N ALA A 147 11.14 -7.80 -22.98
CA ALA A 147 9.99 -6.90 -23.11
C ALA A 147 9.84 -6.45 -24.52
N ALA A 148 8.63 -6.08 -24.87
CA ALA A 148 8.31 -5.58 -26.18
C ALA A 148 9.03 -4.26 -26.53
N PHE A 149 9.21 -3.40 -25.54
CA PHE A 149 9.78 -2.08 -25.79
C PHE A 149 10.77 -1.59 -24.74
N LEU A 150 11.45 -0.51 -25.11
CA LEU A 150 12.31 0.22 -24.22
C LEU A 150 11.77 1.65 -24.16
N ASP A 151 11.49 2.14 -22.95
CA ASP A 151 11.05 3.49 -22.76
C ASP A 151 12.38 4.18 -22.51
N LEU A 152 12.79 5.03 -23.46
CA LEU A 152 14.04 5.76 -23.33
C LEU A 152 13.72 7.10 -22.74
N ILE A 153 14.31 7.39 -21.58
CA ILE A 153 14.03 8.67 -20.92
C ILE A 153 15.15 9.60 -21.26
N LEU A 154 14.81 10.79 -21.75
CA LEU A 154 15.79 11.79 -22.14
C LEU A 154 15.80 13.02 -21.25
N TYR A 155 16.99 13.61 -21.11
CA TYR A 155 17.17 14.87 -20.36
C TYR A 155 17.89 15.80 -21.28
N SER A 156 17.59 17.09 -21.17
CA SER A 156 18.25 18.08 -21.97
C SER A 156 19.73 18.10 -21.60
N ARG A 157 20.54 18.70 -22.47
CA ARG A 157 21.97 18.88 -22.25
C ARG A 157 22.17 19.75 -21.00
N GLU A 158 21.30 20.74 -20.85
CA GLU A 158 21.33 21.67 -19.73
C GLU A 158 21.15 20.94 -18.40
N GLN A 159 20.03 20.23 -18.26
CA GLN A 159 19.77 19.49 -17.03
C GLN A 159 20.85 18.48 -16.68
N ILE A 160 21.43 17.82 -17.68
CA ILE A 160 22.52 16.87 -17.42
C ILE A 160 23.74 17.60 -16.83
N ALA A 161 24.10 18.75 -17.39
CA ALA A 161 25.23 19.52 -16.87
C ALA A 161 24.95 19.90 -15.41
N LYS A 162 23.77 20.45 -15.18
CA LYS A 162 23.31 20.92 -13.86
C LYS A 162 23.39 19.85 -12.76
N GLU A 163 22.79 18.68 -13.01
CA GLU A 163 22.81 17.59 -12.03
C GLU A 163 24.21 16.98 -11.84
N THR A 164 24.98 16.87 -12.93
CA THR A 164 26.34 16.32 -12.83
C THR A 164 27.19 17.28 -11.97
N ALA A 165 26.95 18.59 -12.14
CA ALA A 165 27.65 19.62 -11.36
C ALA A 165 27.15 19.64 -9.93
N ALA A 166 25.82 19.68 -9.77
CA ALA A 166 25.20 19.68 -8.42
C ALA A 166 25.63 18.44 -7.64
N GLU A 167 25.77 17.31 -8.33
CA GLU A 167 26.24 16.05 -7.72
C GLU A 167 27.63 16.25 -7.09
N SER A 168 28.36 17.24 -7.59
CA SER A 168 29.69 17.59 -7.10
C SER A 168 29.72 19.02 -6.52
N ASN A 169 28.75 19.85 -6.92
CA ASN A 169 28.63 21.28 -6.57
C ASN A 169 29.69 22.07 -7.36
N THR A 170 30.21 21.43 -8.40
CA THR A 170 31.22 22.01 -9.26
C THR A 170 30.58 23.05 -10.15
N ALA A 171 31.39 23.98 -10.66
CA ALA A 171 30.91 24.96 -11.59
C ALA A 171 30.50 24.10 -12.77
N VAL A 172 29.31 24.35 -13.29
CA VAL A 172 28.76 23.59 -14.40
C VAL A 172 29.38 24.03 -15.74
N VAL A 173 29.95 23.09 -16.47
CA VAL A 173 30.53 23.38 -17.79
C VAL A 173 29.69 22.72 -18.87
N ILE A 174 29.03 23.52 -19.69
CA ILE A 174 28.23 22.97 -20.78
C ILE A 174 29.03 22.96 -22.08
N ASP A 175 28.98 21.82 -22.77
CA ASP A 175 29.59 21.64 -24.04
C ASP A 175 28.49 21.89 -25.07
N PRO A 176 28.54 23.03 -25.78
CA PRO A 176 27.49 23.33 -26.77
C PRO A 176 27.39 22.32 -27.87
N ASN A 177 28.43 21.49 -28.02
CA ASN A 177 28.44 20.45 -29.04
C ASN A 177 27.95 19.11 -28.53
N ALA A 178 27.57 19.06 -27.26
CA ALA A 178 27.02 17.84 -26.69
C ALA A 178 25.63 17.62 -27.25
N PRO A 179 25.19 16.38 -27.36
CA PRO A 179 23.83 16.21 -27.88
C PRO A 179 22.79 17.03 -27.10
N ALA A 180 21.73 17.47 -27.79
CA ALA A 180 20.69 18.25 -27.13
C ALA A 180 19.93 17.39 -26.11
N TRP A 181 19.71 16.13 -26.47
CA TRP A 181 19.03 15.20 -25.59
C TRP A 181 19.88 14.00 -25.35
N SER A 182 19.95 13.54 -24.12
CA SER A 182 20.70 12.34 -23.83
C SER A 182 19.89 11.37 -23.00
N ILE A 183 20.07 10.09 -23.30
CA ILE A 183 19.40 9.02 -22.59
C ILE A 183 20.02 8.91 -21.18
N ILE A 184 19.18 9.05 -20.15
CA ILE A 184 19.61 8.94 -18.77
C ILE A 184 18.99 7.69 -18.08
N ALA A 185 17.95 7.14 -18.68
CA ALA A 185 17.30 5.93 -18.18
C ALA A 185 16.74 5.14 -19.33
N VAL A 186 16.69 3.82 -19.13
CA VAL A 186 16.14 2.88 -20.10
C VAL A 186 15.30 1.87 -19.34
N LYS A 187 14.03 1.79 -19.70
CA LYS A 187 13.10 0.90 -19.02
C LYS A 187 12.51 -0.10 -19.96
N ALA A 188 12.77 -1.38 -19.72
CA ALA A 188 12.19 -2.44 -20.51
C ALA A 188 10.79 -2.66 -19.98
N GLN A 189 9.80 -2.62 -20.89
CA GLN A 189 8.43 -2.82 -20.52
C GLN A 189 7.63 -3.25 -21.75
N ASN A 190 6.44 -3.79 -21.52
CA ASN A 190 5.60 -4.28 -22.60
C ASN A 190 4.54 -3.30 -22.96
N GLU A 191 4.38 -2.24 -22.17
CA GLU A 191 3.38 -1.25 -22.45
C GLU A 191 4.02 -0.02 -23.14
N LYS A 192 3.25 0.57 -24.05
CA LYS A 192 3.62 1.78 -24.81
C LYS A 192 3.15 3.05 -24.09
N TYR A 193 3.25 3.08 -22.76
CA TYR A 193 2.91 4.27 -22.00
C TYR A 193 3.72 4.26 -20.69
N SER A 194 3.84 5.42 -20.04
CA SER A 194 4.60 5.53 -18.79
C SER A 194 3.97 4.63 -17.76
N LEU A 195 4.75 3.72 -17.23
CA LEU A 195 4.20 2.81 -16.26
C LEU A 195 3.94 3.62 -14.97
N PRO A 196 2.73 3.50 -14.39
CA PRO A 196 2.42 4.25 -13.19
C PRO A 196 3.28 3.85 -12.02
N MET A 197 3.67 4.82 -11.20
CA MET A 197 4.45 4.50 -10.02
C MET A 197 3.53 3.69 -9.11
N ALA A 198 4.11 3.02 -8.13
CA ALA A 198 3.36 2.23 -7.20
C ALA A 198 2.43 3.13 -6.41
N PRO A 199 1.25 2.61 -6.06
CA PRO A 199 0.28 3.37 -5.24
C PRO A 199 0.90 3.93 -3.96
N ILE A 200 1.72 3.13 -3.30
CA ILE A 200 2.33 3.56 -2.05
C ILE A 200 3.29 4.70 -2.30
N THR A 201 3.98 4.67 -3.43
CA THR A 201 4.94 5.72 -3.74
C THR A 201 4.16 7.02 -3.82
N MET A 202 2.97 6.97 -4.42
CA MET A 202 2.15 8.18 -4.54
C MET A 202 1.74 8.72 -3.18
N LEU A 203 1.38 7.82 -2.26
CA LEU A 203 1.00 8.21 -0.90
C LEU A 203 2.19 8.82 -0.15
N ARG A 204 3.35 8.13 -0.17
CA ARG A 204 4.54 8.64 0.52
C ARG A 204 4.96 10.03 -0.02
N ASN A 205 4.67 10.31 -1.29
CA ASN A 205 4.99 11.61 -1.88
C ASN A 205 4.12 12.76 -1.37
N THR A 206 3.02 12.45 -0.68
CA THR A 206 2.16 13.49 -0.11
C THR A 206 2.62 13.86 1.30
N LEU A 207 3.61 13.13 1.81
CA LEU A 207 4.16 13.37 3.14
C LEU A 207 5.52 14.06 3.02
N ILE A 208 5.56 15.37 3.25
CA ILE A 208 6.83 16.08 3.16
C ILE A 208 7.82 15.48 4.19
N GLU A 209 7.33 15.20 5.39
CA GLU A 209 8.12 14.63 6.49
C GLU A 209 8.83 13.32 6.12
N GLU A 210 8.30 12.66 5.09
CA GLU A 210 8.80 11.38 4.62
C GLU A 210 9.00 11.39 3.11
N GLY A 211 8.82 12.55 2.47
CA GLY A 211 8.88 12.65 1.00
C GLY A 211 9.98 13.53 0.47
N GLY A 212 9.76 14.15 -0.70
CA GLY A 212 8.51 14.01 -1.46
C GLY A 212 7.68 15.29 -1.48
N SER A 213 7.08 15.56 -2.64
CA SER A 213 6.25 16.75 -2.90
C SER A 213 5.54 17.38 -1.69
N GLY A 214 4.45 16.74 -1.25
CA GLY A 214 3.60 17.27 -0.20
C GLY A 214 2.27 17.69 -0.83
N VAL A 215 2.22 17.66 -2.16
CA VAL A 215 1.04 18.01 -2.95
C VAL A 215 -0.13 17.04 -2.70
N ALA A 216 -1.35 17.58 -2.69
CA ALA A 216 -2.55 16.76 -2.49
C ALA A 216 -2.61 15.64 -3.55
N LEU A 217 -2.83 14.43 -3.09
CA LEU A 217 -2.92 13.29 -3.97
C LEU A 217 -3.87 13.50 -5.17
N ASP A 218 -3.42 13.12 -6.36
CA ASP A 218 -4.25 13.15 -7.56
C ASP A 218 -4.99 11.81 -7.51
N ARG A 219 -6.17 11.80 -6.94
N ARG A 219 -6.19 11.82 -6.94
CA ARG A 219 -6.93 10.57 -6.76
CA ARG A 219 -7.01 10.61 -6.80
C ARG A 219 -7.17 9.77 -8.04
C ARG A 219 -7.08 9.78 -8.05
N GLU A 220 -7.37 10.44 -9.17
CA GLU A 220 -7.55 9.71 -10.42
C GLU A 220 -6.28 8.99 -10.89
N ALA A 221 -5.12 9.60 -10.65
CA ALA A 221 -3.86 8.96 -11.02
C ALA A 221 -3.63 7.80 -10.08
N TYR A 222 -3.98 7.98 -8.80
CA TYR A 222 -3.86 6.89 -7.83
C TYR A 222 -4.71 5.70 -8.28
N LYS A 223 -5.98 5.92 -8.64
CA LYS A 223 -6.83 4.80 -9.09
C LYS A 223 -6.18 4.10 -10.28
N ALA A 224 -5.69 4.87 -11.24
CA ALA A 224 -5.02 4.33 -12.42
C ALA A 224 -3.83 3.46 -12.00
N SER A 225 -3.05 3.97 -11.06
CA SER A 225 -1.90 3.23 -10.58
C SER A 225 -2.36 1.92 -9.94
N VAL A 226 -3.35 1.99 -9.06
CA VAL A 226 -3.90 0.77 -8.46
C VAL A 226 -4.38 -0.25 -9.52
N ALA A 227 -5.09 0.22 -10.55
CA ALA A 227 -5.55 -0.69 -11.63
C ALA A 227 -4.41 -1.46 -12.25
N TYR A 228 -3.28 -0.79 -12.45
CA TYR A 228 -2.14 -1.48 -13.03
C TYR A 228 -1.55 -2.49 -12.06
N TRP A 229 -1.32 -2.05 -10.82
CA TRP A 229 -0.64 -2.87 -9.84
C TRP A 229 -1.47 -3.99 -9.22
N LYS A 230 -2.79 -3.99 -9.48
CA LYS A 230 -3.60 -5.09 -9.05
C LYS A 230 -3.29 -6.34 -9.88
N THR A 231 -2.78 -6.16 -11.10
CA THR A 231 -2.56 -7.31 -11.99
C THR A 231 -1.09 -7.55 -12.44
N HIS A 232 -0.17 -6.89 -11.79
CA HIS A 232 1.24 -7.00 -12.07
C HIS A 232 1.96 -6.81 -10.77
N ALA A 233 3.12 -7.45 -10.67
CA ALA A 233 3.93 -7.36 -9.50
C ALA A 233 5.40 -7.30 -9.88
N ILE A 234 6.17 -6.52 -9.11
CA ILE A 234 7.60 -6.40 -9.37
C ILE A 234 8.25 -7.76 -9.06
N VAL A 235 9.48 -7.92 -9.55
CA VAL A 235 10.28 -9.10 -9.28
C VAL A 235 11.30 -8.68 -8.25
N MET A 236 11.59 -9.51 -7.27
CA MET A 236 12.58 -9.17 -6.26
C MET A 236 13.22 -10.45 -5.77
N ASP A 237 14.54 -10.43 -5.60
CA ASP A 237 15.26 -11.59 -5.16
C ASP A 237 15.14 -11.72 -3.65
N LYS A 238 14.00 -12.26 -3.23
CA LYS A 238 13.73 -12.51 -1.83
C LYS A 238 12.66 -13.62 -1.79
N GLU A 239 13.03 -14.81 -1.31
CA GLU A 239 12.11 -15.96 -1.25
C GLU A 239 11.06 -15.91 -0.16
N SER A 240 11.37 -15.24 0.93
CA SER A 240 10.44 -15.12 2.04
C SER A 240 10.50 -13.72 2.60
N SER A 241 9.43 -13.31 3.26
CA SER A 241 9.40 -11.98 3.89
C SER A 241 10.00 -11.99 5.30
N LEU A 242 9.98 -13.13 5.95
CA LEU A 242 10.43 -13.24 7.32
C LEU A 242 11.92 -12.98 7.50
N GLU A 243 12.25 -12.39 8.64
CA GLU A 243 13.61 -12.01 8.95
C GLU A 243 14.02 -12.59 10.30
N PRO B 31 -15.48 2.20 35.72
CA PRO B 31 -16.91 2.36 35.45
C PRO B 31 -17.80 1.52 36.36
N ALA B 32 -18.80 2.16 36.95
CA ALA B 32 -19.72 1.50 37.88
C ALA B 32 -21.17 1.56 37.35
N PRO B 33 -22.17 1.38 38.23
CA PRO B 33 -23.59 1.42 37.80
C PRO B 33 -24.01 2.70 37.08
N ALA B 34 -23.33 3.82 37.34
CA ALA B 34 -23.65 5.09 36.67
C ALA B 34 -23.49 4.91 35.17
N ASP B 35 -22.31 4.43 34.75
CA ASP B 35 -22.00 4.19 33.34
C ASP B 35 -22.12 2.70 32.99
N LEU B 36 -23.12 2.04 33.57
CA LEU B 36 -23.36 0.60 33.36
C LEU B 36 -24.85 0.38 33.53
N PRO B 37 -25.43 -0.59 32.80
CA PRO B 37 -24.83 -1.54 31.85
C PRO B 37 -24.48 -0.98 30.46
N LEU B 38 -23.84 -1.83 29.66
CA LEU B 38 -23.43 -1.49 28.33
C LEU B 38 -24.52 -1.73 27.31
N GLY B 39 -24.51 -0.92 26.26
CA GLY B 39 -25.43 -1.05 25.18
C GLY B 39 -24.69 -1.60 23.98
N LEU B 40 -25.42 -1.74 22.89
CA LEU B 40 -24.86 -2.19 21.64
C LEU B 40 -25.63 -1.43 20.62
N ASP B 41 -25.00 -0.45 20.00
CA ASP B 41 -25.69 0.35 19.02
C ASP B 41 -25.88 -0.50 17.76
N PRO B 42 -27.14 -0.78 17.39
CA PRO B 42 -27.33 -1.60 16.17
C PRO B 42 -26.81 -0.87 14.91
N PHE B 43 -27.16 0.40 14.77
CA PHE B 43 -26.72 1.18 13.61
C PHE B 43 -25.20 1.25 13.50
N CYS B 44 -24.56 1.87 14.49
CA CYS B 44 -23.11 2.05 14.43
C CYS B 44 -22.44 0.67 14.38
N TYR B 45 -23.12 -0.38 14.86
CA TYR B 45 -22.56 -1.74 14.79
C TYR B 45 -22.59 -2.30 13.36
N ARG B 46 -23.69 -2.07 12.62
CA ARG B 46 -23.82 -2.60 11.24
C ARG B 46 -22.69 -2.09 10.31
N GLN B 47 -22.12 -0.93 10.64
CA GLN B 47 -21.02 -0.37 9.87
C GLN B 47 -19.63 -0.94 10.21
N PHE B 48 -19.54 -1.78 11.23
CA PHE B 48 -18.25 -2.37 11.62
C PHE B 48 -18.33 -3.91 11.78
N ASP B 49 -18.50 -4.61 10.65
CA ASP B 49 -18.55 -6.10 10.61
C ASP B 49 -18.62 -6.67 9.17
N ASP B 50 -17.82 -7.70 8.89
CA ASP B 50 -17.83 -8.36 7.57
C ASP B 50 -19.07 -9.23 7.40
N VAL B 61 -26.88 -17.03 18.75
CA VAL B 61 -26.83 -15.88 19.65
C VAL B 61 -27.32 -14.60 18.94
N THR B 62 -28.42 -14.03 19.42
CA THR B 62 -28.99 -12.79 18.84
C THR B 62 -28.28 -11.59 19.47
N LYS B 63 -28.47 -10.40 18.88
CA LYS B 63 -27.88 -9.18 19.43
C LYS B 63 -28.25 -9.01 20.91
N GLU B 64 -29.54 -9.11 21.19
CA GLU B 64 -30.05 -8.97 22.56
C GLU B 64 -29.41 -9.98 23.49
N GLU B 65 -29.42 -11.24 23.07
CA GLU B 65 -28.90 -12.33 23.86
C GLU B 65 -27.40 -12.17 24.12
N PHE B 66 -26.69 -11.68 23.12
CA PHE B 66 -25.27 -11.45 23.24
C PHE B 66 -25.00 -10.32 24.25
N LEU B 67 -25.77 -9.24 24.14
CA LEU B 67 -25.61 -8.08 25.03
C LEU B 67 -25.89 -8.46 26.46
N GLU B 68 -26.87 -9.35 26.68
CA GLU B 68 -27.20 -9.80 28.03
C GLU B 68 -26.05 -10.52 28.71
N LYS B 69 -25.31 -11.36 27.99
CA LYS B 69 -24.18 -12.06 28.64
C LYS B 69 -22.97 -11.18 28.86
N VAL B 70 -22.78 -10.19 27.99
CA VAL B 70 -21.68 -9.25 28.19
C VAL B 70 -21.86 -8.52 29.52
N ASN B 71 -23.04 -7.94 29.71
CA ASN B 71 -23.35 -7.20 30.94
C ASN B 71 -23.31 -8.06 32.19
N GLU B 72 -23.66 -9.33 32.02
CA GLU B 72 -23.60 -10.28 33.12
C GLU B 72 -22.13 -10.51 33.46
N LEU B 73 -21.36 -10.94 32.46
CA LEU B 73 -19.95 -11.20 32.67
C LEU B 73 -19.24 -9.97 33.27
N VAL B 74 -19.74 -8.77 32.98
CA VAL B 74 -19.16 -7.54 33.53
C VAL B 74 -19.49 -7.33 35.01
N THR B 75 -20.74 -7.53 35.40
CA THR B 75 -21.13 -7.37 36.82
C THR B 75 -20.38 -8.41 37.65
N ARG B 76 -20.42 -9.67 37.18
CA ARG B 76 -19.66 -10.75 37.81
C ARG B 76 -18.21 -10.39 37.60
N ASP B 77 -17.31 -11.16 38.20
CA ASP B 77 -15.89 -10.88 38.03
C ASP B 77 -15.68 -9.36 38.14
N ALA B 78 -15.76 -8.85 39.36
CA ALA B 78 -15.54 -7.42 39.60
C ALA B 78 -14.08 -7.05 39.32
N GLY B 79 -13.40 -7.91 38.56
CA GLY B 79 -11.99 -7.73 38.20
C GLY B 79 -11.77 -7.44 36.73
N ILE B 80 -12.79 -7.66 35.89
CA ILE B 80 -12.66 -7.35 34.45
C ILE B 80 -12.48 -5.85 34.34
N GLU B 81 -11.57 -5.39 33.48
CA GLU B 81 -11.29 -3.95 33.40
C GLU B 81 -11.26 -3.31 32.00
N PHE B 82 -11.51 -2.00 32.00
CA PHE B 82 -11.55 -1.19 30.79
C PHE B 82 -10.21 -0.53 30.51
N PHE B 83 -9.82 -0.54 29.24
CA PHE B 83 -8.56 0.07 28.81
C PHE B 83 -8.88 1.12 27.77
N GLN B 84 -8.34 2.33 27.93
N GLN B 84 -8.33 2.33 27.94
CA GLN B 84 -8.55 3.40 26.96
CA GLN B 84 -8.51 3.41 26.98
C GLN B 84 -7.80 3.05 25.70
C GLN B 84 -7.79 3.04 25.69
N GLY B 85 -8.49 3.09 24.57
CA GLY B 85 -7.91 2.74 23.27
C GLY B 85 -6.89 3.76 22.79
N TYR B 86 -7.35 4.98 22.60
CA TYR B 86 -6.49 6.06 22.12
C TYR B 86 -7.22 7.40 22.27
N ALA B 87 -8.47 7.46 21.80
CA ALA B 87 -9.28 8.67 21.90
C ALA B 87 -10.09 8.58 23.19
N PRO B 88 -10.45 9.74 23.80
CA PRO B 88 -11.21 9.77 25.04
C PRO B 88 -12.63 9.19 24.90
N PHE B 89 -13.03 8.87 23.68
CA PHE B 89 -14.35 8.29 23.41
C PHE B 89 -14.29 6.79 23.08
N CYS B 90 -13.10 6.26 22.81
CA CYS B 90 -12.93 4.83 22.50
C CYS B 90 -12.38 4.06 23.70
N ARG B 91 -13.07 2.98 24.07
CA ARG B 91 -12.67 2.17 25.21
C ARG B 91 -12.81 0.69 24.85
N HIS B 92 -12.03 -0.17 25.51
CA HIS B 92 -12.03 -1.60 25.25
C HIS B 92 -12.28 -2.38 26.50
N LEU B 93 -13.04 -3.46 26.39
CA LEU B 93 -13.16 -4.35 27.51
C LEU B 93 -12.98 -5.76 26.95
N TYR B 94 -12.21 -6.57 27.67
CA TYR B 94 -11.89 -7.92 27.24
C TYR B 94 -12.60 -8.92 28.11
N ILE B 95 -13.30 -9.84 27.46
CA ILE B 95 -14.05 -10.88 28.13
C ILE B 95 -13.75 -12.21 27.45
N PRO B 96 -14.17 -13.33 28.06
CA PRO B 96 -13.93 -14.62 27.43
C PRO B 96 -14.82 -14.83 26.21
N ASN B 97 -14.28 -15.55 25.24
CA ASN B 97 -14.97 -15.82 24.01
C ASN B 97 -16.03 -16.90 24.18
N PHE B 98 -17.14 -16.53 24.82
CA PHE B 98 -18.25 -17.46 25.04
C PHE B 98 -19.02 -17.77 23.76
N VAL B 99 -18.76 -17.06 22.67
CA VAL B 99 -19.48 -17.33 21.42
C VAL B 99 -18.69 -18.28 20.47
N GLY B 100 -17.45 -18.62 20.83
CA GLY B 100 -16.63 -19.53 20.01
C GLY B 100 -16.05 -18.99 18.70
N ALA B 101 -15.95 -17.65 18.61
CA ALA B 101 -15.42 -17.00 17.41
C ALA B 101 -13.94 -17.30 17.19
N LEU B 102 -13.56 -17.38 15.92
CA LEU B 102 -12.17 -17.62 15.58
C LEU B 102 -11.47 -16.26 15.60
N PRO B 103 -10.14 -16.24 15.83
CA PRO B 103 -9.46 -14.95 15.83
C PRO B 103 -9.53 -14.24 14.46
N GLY B 104 -9.46 -12.91 14.46
CA GLY B 104 -9.50 -12.10 13.23
C GLY B 104 -8.10 -11.87 12.69
N SER B 105 -7.11 -12.52 13.31
CA SER B 105 -5.69 -12.32 12.96
C SER B 105 -4.86 -13.53 13.39
N LEU B 106 -3.80 -13.85 12.65
CA LEU B 106 -2.91 -14.93 13.08
C LEU B 106 -1.46 -14.70 12.73
N PRO B 107 -0.58 -15.39 13.46
CA PRO B 107 0.87 -15.26 13.21
C PRO B 107 1.29 -15.82 11.88
N ILE B 108 2.19 -15.11 11.21
CA ILE B 108 2.77 -15.56 9.96
C ILE B 108 4.03 -16.33 10.36
N THR B 109 4.13 -17.58 9.90
CA THR B 109 5.29 -18.41 10.14
C THR B 109 5.85 -18.86 8.80
N ALA B 110 7.10 -19.32 8.83
CA ALA B 110 7.77 -19.82 7.63
C ALA B 110 6.93 -20.88 6.98
N ASP B 111 6.24 -21.67 7.80
CA ASP B 111 5.44 -22.76 7.29
C ASP B 111 4.08 -22.36 6.72
N ASN B 112 3.49 -21.24 7.15
CA ASN B 112 2.18 -20.88 6.59
C ASN B 112 2.17 -19.66 5.69
N GLU B 113 3.35 -19.07 5.51
CA GLU B 113 3.50 -17.87 4.74
C GLU B 113 2.88 -18.00 3.34
N HIS B 114 3.01 -19.17 2.72
CA HIS B 114 2.48 -19.38 1.36
C HIS B 114 0.98 -19.26 1.29
N LEU B 115 0.29 -19.29 2.41
CA LEU B 115 -1.17 -19.21 2.38
C LEU B 115 -1.71 -17.75 2.25
N LEU B 116 -0.85 -16.78 2.52
CA LEU B 116 -1.23 -15.39 2.39
C LEU B 116 -1.66 -15.03 0.97
N ARG B 117 -2.57 -14.08 0.88
CA ARG B 117 -3.01 -13.51 -0.37
C ARG B 117 -2.98 -11.98 -0.16
N SER B 118 -2.94 -11.22 -1.24
CA SER B 118 -2.88 -9.79 -1.14
C SER B 118 -3.59 -9.12 -2.28
N GLY B 119 -3.90 -7.86 -2.08
CA GLY B 119 -4.60 -7.12 -3.07
C GLY B 119 -4.97 -5.77 -2.58
N TYR B 120 -5.54 -5.02 -3.51
CA TYR B 120 -5.97 -3.66 -3.24
C TYR B 120 -7.42 -3.68 -2.77
N ILE B 121 -7.62 -3.27 -1.51
CA ILE B 121 -8.95 -3.29 -0.90
C ILE B 121 -9.39 -1.93 -0.34
N ALA B 122 -10.64 -1.58 -0.62
CA ALA B 122 -11.28 -0.38 -0.07
C ALA B 122 -12.34 -0.92 0.89
N ARG B 123 -12.23 -0.58 2.17
CA ARG B 123 -13.20 -1.06 3.20
C ARG B 123 -14.63 -0.62 2.81
N ARG B 124 -14.74 0.56 2.22
CA ARG B 124 -16.02 1.07 1.77
C ARG B 124 -15.79 1.87 0.48
N PRO B 125 -16.83 2.02 -0.36
CA PRO B 125 -16.81 2.68 -1.70
C PRO B 125 -16.10 4.02 -1.86
N ASN B 126 -16.14 4.89 -0.85
CA ASN B 126 -15.49 6.21 -0.94
C ASN B 126 -14.02 6.23 -0.49
N GLU B 127 -13.53 5.11 0.02
CA GLU B 127 -12.14 5.00 0.44
C GLU B 127 -11.24 4.56 -0.72
N LEU B 128 -10.06 5.14 -0.79
CA LEU B 128 -9.12 4.74 -1.80
C LEU B 128 -8.70 3.33 -1.43
N PRO B 129 -8.66 2.43 -2.42
CA PRO B 129 -8.23 1.05 -2.11
C PRO B 129 -6.75 1.04 -1.79
N VAL B 130 -6.36 0.18 -0.86
CA VAL B 130 -4.98 0.07 -0.42
C VAL B 130 -4.48 -1.38 -0.40
N LEU B 131 -3.17 -1.55 -0.57
CA LEU B 131 -2.59 -2.87 -0.56
C LEU B 131 -2.79 -3.47 0.79
N THR B 132 -3.35 -4.68 0.80
CA THR B 132 -3.64 -5.41 2.03
C THR B 132 -3.32 -6.87 1.81
N ARG B 133 -2.95 -7.58 2.87
CA ARG B 133 -2.69 -9.03 2.81
C ARG B 133 -3.46 -9.71 3.90
N TRP B 134 -3.80 -10.97 3.68
CA TRP B 134 -4.59 -11.70 4.62
C TRP B 134 -4.44 -13.21 4.45
N PHE B 135 -4.87 -13.94 5.46
CA PHE B 135 -4.98 -15.39 5.36
C PHE B 135 -6.42 -15.66 5.02
N PRO B 136 -6.69 -16.57 4.10
CA PRO B 136 -8.08 -16.87 3.79
C PRO B 136 -8.87 -17.49 4.95
N MET B 137 -10.14 -17.17 5.03
CA MET B 137 -11.02 -17.70 6.06
C MET B 137 -10.99 -19.23 6.06
N SER B 138 -11.09 -19.85 4.89
CA SER B 138 -11.07 -21.31 4.79
C SER B 138 -9.89 -21.91 5.54
N TYR B 139 -8.75 -21.26 5.49
CA TYR B 139 -7.58 -21.76 6.19
C TYR B 139 -7.72 -21.57 7.70
N ALA B 140 -8.19 -20.40 8.10
CA ALA B 140 -8.38 -20.12 9.52
C ALA B 140 -9.37 -21.09 10.15
N LYS B 141 -10.49 -21.37 9.47
CA LYS B 141 -11.50 -22.33 9.97
C LYS B 141 -10.98 -23.74 10.21
N ASP B 142 -10.05 -24.20 9.38
CA ASP B 142 -9.52 -25.56 9.50
C ASP B 142 -8.28 -25.63 10.37
N ALA B 143 -7.64 -24.49 10.59
CA ALA B 143 -6.42 -24.43 11.38
C ALA B 143 -6.65 -24.00 12.82
N LEU B 144 -7.24 -22.81 12.99
CA LEU B 144 -7.38 -22.17 14.31
C LEU B 144 -8.32 -22.73 15.36
N MET B 145 -8.06 -22.27 16.58
CA MET B 145 -8.76 -22.64 17.78
C MET B 145 -9.56 -21.43 18.24
N PRO B 146 -10.79 -21.65 18.77
CA PRO B 146 -11.57 -20.50 19.27
C PRO B 146 -10.70 -19.52 20.04
N ALA B 147 -10.68 -18.26 19.59
CA ALA B 147 -9.90 -17.21 20.23
C ALA B 147 -10.14 -17.22 21.71
N ALA B 148 -9.15 -16.81 22.49
CA ALA B 148 -9.31 -16.77 23.94
C ALA B 148 -10.26 -15.66 24.40
N PHE B 149 -10.17 -14.49 23.77
CA PHE B 149 -10.98 -13.34 24.18
C PHE B 149 -11.77 -12.67 23.08
N LEU B 150 -12.69 -11.81 23.54
CA LEU B 150 -13.45 -10.93 22.67
C LEU B 150 -13.06 -9.54 23.12
N ASP B 151 -12.60 -8.73 22.18
CA ASP B 151 -12.23 -7.38 22.45
C ASP B 151 -13.45 -6.56 22.06
N LEU B 152 -14.17 -6.07 23.07
CA LEU B 152 -15.34 -5.25 22.82
C LEU B 152 -14.89 -3.82 22.65
N ILE B 153 -15.13 -3.22 21.48
CA ILE B 153 -14.74 -1.84 21.26
C ILE B 153 -15.95 -0.97 21.57
N LEU B 154 -15.77 -0.08 22.54
CA LEU B 154 -16.86 0.75 23.01
C LEU B 154 -16.71 2.21 22.63
N TYR B 155 -17.83 2.83 22.28
CA TYR B 155 -17.91 4.23 21.94
C TYR B 155 -18.84 4.93 22.94
N SER B 156 -18.53 6.18 23.22
CA SER B 156 -19.34 6.96 24.11
C SER B 156 -20.64 7.32 23.40
N ARG B 157 -21.69 7.52 24.19
CA ARG B 157 -23.00 7.94 23.70
C ARG B 157 -22.87 9.17 22.76
N GLU B 158 -22.10 10.15 23.21
N GLU B 158 -22.07 10.14 23.22
CA GLU B 158 -21.90 11.35 22.43
CA GLU B 158 -21.81 11.36 22.48
C GLU B 158 -21.22 11.06 21.09
C GLU B 158 -21.24 11.05 21.10
N GLN B 159 -20.15 10.27 21.08
CA GLN B 159 -19.48 9.93 19.82
C GLN B 159 -20.42 9.16 18.86
N ILE B 160 -21.17 8.20 19.37
CA ILE B 160 -22.10 7.46 18.55
C ILE B 160 -23.13 8.44 17.96
N ALA B 161 -23.53 9.43 18.75
CA ALA B 161 -24.51 10.43 18.30
C ALA B 161 -23.93 11.27 17.18
N LYS B 162 -22.68 11.71 17.36
CA LYS B 162 -21.99 12.51 16.34
C LYS B 162 -21.75 11.72 15.07
N GLU B 163 -21.27 10.48 15.18
CA GLU B 163 -21.01 9.70 13.97
C GLU B 163 -22.28 9.23 13.27
N THR B 164 -23.32 8.97 14.04
CA THR B 164 -24.58 8.57 13.43
C THR B 164 -25.18 9.77 12.70
N ALA B 165 -25.03 10.97 13.26
CA ALA B 165 -25.53 12.20 12.63
C ALA B 165 -24.87 12.41 11.24
N ALA B 166 -23.53 12.31 11.19
CA ALA B 166 -22.77 12.54 9.96
C ALA B 166 -23.07 11.53 8.86
N GLU B 167 -23.16 10.27 9.25
CA GLU B 167 -23.42 9.17 8.34
C GLU B 167 -24.85 9.20 7.84
N SER B 168 -25.74 9.56 8.74
CA SER B 168 -27.19 9.60 8.48
C SER B 168 -27.71 10.95 7.90
N ASN B 169 -26.92 12.03 8.06
CA ASN B 169 -27.31 13.39 7.68
C ASN B 169 -28.54 13.86 8.45
N THR B 170 -28.49 13.62 9.76
CA THR B 170 -29.55 14.04 10.66
C THR B 170 -28.86 14.86 11.74
N ALA B 171 -29.62 15.26 12.76
CA ALA B 171 -29.06 16.08 13.86
C ALA B 171 -28.32 15.20 14.85
N VAL B 172 -27.44 15.84 15.62
CA VAL B 172 -26.68 15.17 16.65
C VAL B 172 -27.56 15.18 17.89
N VAL B 173 -28.24 14.05 18.13
CA VAL B 173 -29.16 13.94 19.24
C VAL B 173 -28.66 12.97 20.31
N ILE B 174 -28.58 13.48 21.53
CA ILE B 174 -28.13 12.71 22.67
C ILE B 174 -29.27 12.40 23.62
N ASP B 175 -29.60 11.12 23.71
CA ASP B 175 -30.64 10.62 24.57
C ASP B 175 -30.02 10.31 25.93
N PRO B 176 -30.35 11.11 26.98
CA PRO B 176 -29.80 10.85 28.32
C PRO B 176 -30.19 9.48 28.88
N ASN B 177 -31.19 8.83 28.28
CA ASN B 177 -31.59 7.48 28.69
C ASN B 177 -30.65 6.47 28.08
N ALA B 178 -30.13 6.77 26.89
CA ALA B 178 -29.21 5.87 26.21
C ALA B 178 -28.01 5.58 27.09
N PRO B 179 -27.46 4.36 26.98
CA PRO B 179 -26.28 3.97 27.77
C PRO B 179 -25.12 4.94 27.57
N ALA B 180 -24.31 5.11 28.60
CA ALA B 180 -23.16 6.00 28.52
C ALA B 180 -22.10 5.46 27.55
N TRP B 181 -22.10 4.15 27.35
CA TRP B 181 -21.15 3.48 26.49
C TRP B 181 -21.81 2.32 25.75
N SER B 182 -21.44 2.13 24.49
CA SER B 182 -21.99 1.03 23.71
C SER B 182 -20.96 0.33 22.82
N ILE B 183 -21.16 -0.97 22.67
CA ILE B 183 -20.34 -1.81 21.85
C ILE B 183 -20.62 -1.46 20.39
N ILE B 184 -19.58 -1.09 19.65
CA ILE B 184 -19.73 -0.79 18.20
C ILE B 184 -19.02 -1.82 17.32
N ALA B 185 -18.14 -2.61 17.93
CA ALA B 185 -17.42 -3.64 17.22
C ALA B 185 -16.89 -4.65 18.22
N VAL B 186 -16.78 -5.90 17.78
CA VAL B 186 -16.24 -6.98 18.57
C VAL B 186 -15.15 -7.67 17.74
N LYS B 187 -13.98 -7.89 18.33
CA LYS B 187 -12.86 -8.56 17.63
C LYS B 187 -12.39 -9.74 18.46
N ALA B 188 -12.44 -10.96 17.90
CA ALA B 188 -11.97 -12.16 18.61
C ALA B 188 -10.44 -12.22 18.48
N GLN B 189 -9.78 -12.43 19.60
CA GLN B 189 -8.34 -12.49 19.59
C GLN B 189 -7.82 -13.15 20.86
N ASN B 190 -6.57 -13.61 20.78
CA ASN B 190 -5.90 -14.23 21.92
C ASN B 190 -5.18 -13.21 22.82
N GLU B 191 -4.95 -11.99 22.34
CA GLU B 191 -4.28 -11.00 23.18
C GLU B 191 -5.26 -10.09 23.90
N LYS B 192 -5.03 -9.88 25.20
CA LYS B 192 -5.86 -9.00 26.06
C LYS B 192 -5.40 -7.55 26.01
N TYR B 193 -5.29 -7.02 24.80
CA TYR B 193 -4.90 -5.64 24.61
C TYR B 193 -5.18 -5.32 23.16
N SER B 194 -5.32 -4.03 22.87
CA SER B 194 -5.64 -3.58 21.52
C SER B 194 -4.50 -3.80 20.57
N LEU B 195 -4.79 -4.38 19.41
CA LEU B 195 -3.75 -4.63 18.43
C LEU B 195 -3.63 -3.36 17.59
N PRO B 196 -2.40 -2.96 17.21
CA PRO B 196 -2.24 -1.73 16.42
C PRO B 196 -3.07 -1.70 15.16
N MET B 197 -3.48 -0.51 14.71
CA MET B 197 -4.22 -0.42 13.46
C MET B 197 -3.19 -0.67 12.34
N ALA B 198 -3.65 -1.15 11.18
CA ALA B 198 -2.73 -1.44 10.07
C ALA B 198 -1.93 -0.21 9.71
N PRO B 199 -0.69 -0.40 9.23
CA PRO B 199 0.16 0.72 8.86
C PRO B 199 -0.41 1.61 7.77
N ILE B 200 -0.97 1.00 6.73
CA ILE B 200 -1.48 1.79 5.65
C ILE B 200 -2.61 2.71 6.20
N THR B 201 -3.42 2.19 7.12
CA THR B 201 -4.50 2.96 7.71
C THR B 201 -3.97 4.27 8.34
N MET B 202 -2.83 4.17 9.02
CA MET B 202 -2.20 5.34 9.66
C MET B 202 -1.80 6.38 8.62
N LEU B 203 -1.34 5.92 7.46
CA LEU B 203 -0.99 6.86 6.39
C LEU B 203 -2.25 7.43 5.81
N ARG B 204 -3.27 6.59 5.64
CA ARG B 204 -4.56 7.06 5.09
C ARG B 204 -5.07 8.24 5.91
N ASN B 205 -4.87 8.17 7.22
CA ASN B 205 -5.35 9.20 8.14
C ASN B 205 -4.60 10.53 8.05
N THR B 206 -3.51 10.59 7.30
CA THR B 206 -2.75 11.83 7.15
C THR B 206 -3.17 12.59 5.90
N LEU B 207 -3.95 11.96 5.03
CA LEU B 207 -4.37 12.58 3.77
C LEU B 207 -5.45 13.67 3.94
N ILE B 208 -5.20 14.81 3.32
CA ILE B 208 -6.08 15.97 3.38
C ILE B 208 -7.58 15.58 3.45
N GLU B 209 -8.04 14.73 2.53
CA GLU B 209 -9.44 14.28 2.50
C GLU B 209 -9.56 12.82 2.08
N GLY B 214 -6.35 14.57 8.24
CA GLY B 214 -5.72 15.84 7.89
C GLY B 214 -4.72 16.30 8.95
N VAL B 215 -3.97 15.34 9.48
CA VAL B 215 -2.98 15.61 10.53
C VAL B 215 -1.68 14.81 10.29
N ALA B 216 -0.60 15.21 10.98
CA ALA B 216 0.73 14.57 10.84
C ALA B 216 0.76 13.10 11.28
N LEU B 217 1.78 12.37 10.82
CA LEU B 217 1.97 10.94 11.14
C LEU B 217 2.79 10.69 12.42
N ASP B 218 2.25 9.84 13.28
CA ASP B 218 2.94 9.45 14.50
C ASP B 218 3.92 8.38 14.05
N ARG B 219 5.18 8.77 13.84
CA ARG B 219 6.16 7.84 13.31
C ARG B 219 6.50 6.66 14.23
N GLU B 220 6.37 6.83 15.53
CA GLU B 220 6.66 5.73 16.46
C GLU B 220 5.49 4.76 16.50
N ALA B 221 4.27 5.28 16.38
CA ALA B 221 3.07 4.43 16.33
C ALA B 221 3.12 3.60 15.06
N TYR B 222 3.65 4.21 14.01
CA TYR B 222 3.79 3.56 12.73
C TYR B 222 4.83 2.44 12.79
N LYS B 223 5.98 2.72 13.41
CA LYS B 223 7.03 1.71 13.54
C LYS B 223 6.51 0.48 14.31
N ALA B 224 5.74 0.76 15.36
CA ALA B 224 5.15 -0.27 16.22
C ALA B 224 4.12 -1.09 15.49
N SER B 225 3.29 -0.45 14.67
CA SER B 225 2.28 -1.19 13.91
C SER B 225 2.95 -2.09 12.89
N VAL B 226 3.98 -1.57 12.25
CA VAL B 226 4.73 -2.34 11.29
C VAL B 226 5.39 -3.55 11.97
N ALA B 227 6.01 -3.33 13.12
CA ALA B 227 6.65 -4.43 13.86
C ALA B 227 5.67 -5.59 14.04
N TYR B 228 4.43 -5.27 14.39
CA TYR B 228 3.43 -6.29 14.63
C TYR B 228 2.91 -6.90 13.34
N TRP B 229 2.45 -6.05 12.42
CA TRP B 229 1.91 -6.57 11.17
C TRP B 229 2.91 -7.21 10.21
N LYS B 230 4.20 -7.01 10.44
CA LYS B 230 5.24 -7.76 9.67
C LYS B 230 5.10 -9.28 9.87
N THR B 231 4.66 -9.68 11.07
CA THR B 231 4.62 -11.11 11.47
C THR B 231 3.24 -11.63 11.83
N HIS B 232 2.22 -10.92 11.40
CA HIS B 232 0.83 -11.31 11.64
C HIS B 232 -0.03 -10.82 10.46
N ALA B 233 -1.15 -11.49 10.20
CA ALA B 233 -2.03 -11.02 9.14
C ALA B 233 -3.50 -11.28 9.48
N ILE B 234 -4.38 -10.35 9.11
CA ILE B 234 -5.80 -10.51 9.33
C ILE B 234 -6.36 -11.70 8.54
N VAL B 235 -7.57 -12.11 8.92
CA VAL B 235 -8.29 -13.17 8.25
C VAL B 235 -9.42 -12.53 7.40
N MET B 236 -9.58 -12.98 6.16
CA MET B 236 -10.60 -12.45 5.27
C MET B 236 -11.17 -13.59 4.44
N ASP B 237 -12.47 -13.57 4.23
CA ASP B 237 -13.12 -14.61 3.47
C ASP B 237 -12.93 -14.33 1.99
N LYS B 238 -11.73 -14.56 1.50
CA LYS B 238 -11.41 -14.25 0.14
C LYS B 238 -10.22 -15.11 -0.21
N GLU B 239 -10.42 -15.99 -1.20
CA GLU B 239 -9.43 -16.98 -1.61
C GLU B 239 -8.44 -16.48 -2.66
N SER B 240 -8.83 -15.42 -3.34
CA SER B 240 -8.02 -14.86 -4.39
C SER B 240 -8.30 -13.38 -4.54
N SER B 241 -7.30 -12.66 -5.00
CA SER B 241 -7.45 -11.24 -5.22
C SER B 241 -7.92 -10.96 -6.64
N LEU B 242 -7.71 -11.88 -7.56
CA LEU B 242 -8.08 -11.61 -8.95
C LEU B 242 -9.59 -11.49 -9.15
N GLU B 243 -9.95 -10.56 -10.03
CA GLU B 243 -11.34 -10.20 -10.31
C GLU B 243 -11.89 -10.73 -11.65
#